data_3GRC
#
_entry.id   3GRC
#
_cell.length_a   64.362
_cell.length_b   87.810
_cell.length_c   103.814
_cell.angle_alpha   90.00
_cell.angle_beta   90.00
_cell.angle_gamma   90.00
#
_symmetry.space_group_name_H-M   'P 21 21 21'
#
loop_
_entity.id
_entity.type
_entity.pdbx_description
1 polymer 'Sensor protein, Kinase'
2 water water
#
_entity_poly.entity_id   1
_entity_poly.type   'polypeptide(L)'
_entity_poly.pdbx_seq_one_letter_code
;(MSE)SLAPRPRILICEDDPDIARLLNL(MSE)LEKGGFDSD(MSE)VHSAAQALEQVARRPYAA(MSE)TVDLNLPDQD
GVSLIRALRRDSRTRDLAIVVVSANAREGELEFNSQPLAVSTWLEKPIDENLLILSLHRAIDN(MSE)AEGKEGHHHHHH
;
_entity_poly.pdbx_strand_id   A,B,C,D
#
# COMPACT_ATOMS: atom_id res chain seq x y z
N PRO A 5 27.74 6.42 -10.54
CA PRO A 5 29.12 6.86 -10.26
C PRO A 5 30.03 5.82 -9.59
N ARG A 6 29.88 5.56 -8.28
CA ARG A 6 30.76 4.58 -7.64
C ARG A 6 30.14 3.42 -6.83
N PRO A 7 29.56 3.67 -5.64
CA PRO A 7 28.99 2.50 -4.94
C PRO A 7 27.95 1.83 -5.84
N ARG A 8 28.00 0.51 -5.98
CA ARG A 8 27.05 -0.15 -6.86
C ARG A 8 25.90 -0.86 -6.14
N ILE A 9 24.68 -0.65 -6.64
CA ILE A 9 23.49 -1.25 -6.04
C ILE A 9 22.90 -2.35 -6.91
N LEU A 10 22.49 -3.46 -6.31
CA LEU A 10 21.86 -4.52 -7.09
C LEU A 10 20.34 -4.39 -6.93
N ILE A 11 19.67 -4.07 -8.03
CA ILE A 11 18.23 -3.90 -8.06
C ILE A 11 17.52 -5.20 -8.44
N CYS A 12 16.74 -5.76 -7.52
CA CYS A 12 16.00 -6.98 -7.80
C CYS A 12 14.55 -6.55 -7.84
N GLU A 13 14.01 -6.45 -9.05
CA GLU A 13 12.64 -6.00 -9.25
C GLU A 13 11.97 -6.73 -10.40
N ASP A 14 10.77 -7.22 -10.13
CA ASP A 14 10.00 -7.95 -11.12
C ASP A 14 9.45 -7.07 -12.24
N ASP A 15 9.09 -5.83 -11.93
CA ASP A 15 8.52 -4.92 -12.93
C ASP A 15 9.60 -4.14 -13.69
N PRO A 16 9.69 -4.35 -15.01
CA PRO A 16 10.66 -3.69 -15.90
C PRO A 16 10.68 -2.17 -15.74
N ASP A 17 9.50 -1.56 -15.74
CA ASP A 17 9.37 -0.12 -15.58
C ASP A 17 10.00 0.35 -14.27
N ILE A 18 9.65 -0.33 -13.16
CA ILE A 18 10.19 0.04 -11.85
C ILE A 18 11.70 -0.24 -11.75
N ALA A 19 12.17 -1.31 -12.39
CA ALA A 19 13.60 -1.66 -12.36
C ALA A 19 14.37 -0.51 -13.01
N ARG A 20 13.86 -0.05 -14.15
CA ARG A 20 14.49 1.05 -14.86
C ARG A 20 14.38 2.35 -14.05
N LEU A 21 13.23 2.58 -13.41
CA LEU A 21 13.06 3.80 -12.61
C LEU A 21 14.13 3.81 -11.51
N LEU A 22 14.29 2.67 -10.83
CA LEU A 22 15.29 2.59 -9.77
C LEU A 22 16.68 2.83 -10.35
N ASN A 23 16.98 2.18 -11.47
CA ASN A 23 18.27 2.37 -12.13
C ASN A 23 18.52 3.87 -12.37
N LEU A 24 17.53 4.57 -12.93
CA LEU A 24 17.66 6.01 -13.20
C LEU A 24 17.71 6.89 -11.95
N MSE A 25 16.87 6.62 -10.95
CA MSE A 25 16.89 7.40 -9.68
C MSE A 25 18.23 7.22 -8.94
O MSE A 25 18.79 8.16 -8.37
CB MSE A 25 15.78 6.94 -8.71
CG MSE A 25 14.35 7.25 -9.07
SE MSE A 25 13.15 6.65 -7.64
CE MSE A 25 11.55 7.51 -8.39
N LEU A 26 18.71 5.99 -8.93
CA LEU A 26 19.96 5.71 -8.24
C LEU A 26 21.12 6.47 -8.87
N GLU A 27 21.11 6.52 -10.19
CA GLU A 27 22.16 7.23 -10.92
C GLU A 27 22.11 8.71 -10.50
N LYS A 28 20.93 9.31 -10.41
CA LYS A 28 20.89 10.70 -9.99
C LYS A 28 21.49 10.84 -8.58
N GLY A 29 21.30 9.83 -7.74
CA GLY A 29 21.81 9.87 -6.39
C GLY A 29 23.25 9.46 -6.21
N GLY A 30 23.98 9.26 -7.32
CA GLY A 30 25.38 8.91 -7.25
C GLY A 30 25.70 7.43 -7.22
N PHE A 31 24.71 6.59 -7.50
CA PHE A 31 24.92 5.14 -7.47
C PHE A 31 24.91 4.45 -8.84
N ASP A 32 25.81 3.49 -9.03
CA ASP A 32 25.82 2.68 -10.25
C ASP A 32 24.90 1.54 -9.82
N SER A 33 24.31 0.84 -10.76
CA SER A 33 23.42 -0.27 -10.40
C SER A 33 23.16 -1.26 -11.53
N ASP A 34 22.80 -2.47 -11.13
CA ASP A 34 22.49 -3.52 -12.05
C ASP A 34 21.05 -3.94 -11.81
N MSE A 35 20.32 -4.22 -12.87
CA MSE A 35 18.95 -4.65 -12.73
C MSE A 35 18.81 -6.15 -12.99
O MSE A 35 19.36 -6.68 -13.95
CB MSE A 35 18.03 -3.90 -13.70
CG MSE A 35 18.17 -2.39 -13.72
SE MSE A 35 17.12 -1.63 -15.12
CE MSE A 35 18.33 -1.84 -16.66
N VAL A 36 18.09 -6.84 -12.12
CA VAL A 36 17.78 -8.26 -12.26
C VAL A 36 16.30 -8.39 -11.91
N HIS A 37 15.65 -9.42 -12.41
CA HIS A 37 14.21 -9.56 -12.18
C HIS A 37 13.71 -10.73 -11.34
N SER A 38 14.61 -11.45 -10.68
CA SER A 38 14.17 -12.58 -9.87
C SER A 38 15.18 -12.90 -8.76
N ALA A 39 14.70 -13.66 -7.77
CA ALA A 39 15.53 -14.07 -6.65
C ALA A 39 16.73 -14.88 -7.10
N ALA A 40 16.50 -15.77 -8.06
CA ALA A 40 17.55 -16.63 -8.58
C ALA A 40 18.65 -15.76 -9.20
N GLN A 41 18.24 -14.83 -10.07
CA GLN A 41 19.19 -13.93 -10.71
C GLN A 41 19.93 -13.11 -9.67
N ALA A 42 19.23 -12.68 -8.63
CA ALA A 42 19.85 -11.89 -7.59
C ALA A 42 20.94 -12.71 -6.87
N LEU A 43 20.61 -13.96 -6.53
CA LEU A 43 21.57 -14.83 -5.85
C LEU A 43 22.83 -15.06 -6.71
N GLU A 44 22.63 -15.30 -8.00
CA GLU A 44 23.74 -15.53 -8.92
C GLU A 44 24.59 -14.26 -9.03
N GLN A 45 23.95 -13.16 -9.39
CA GLN A 45 24.62 -11.90 -9.61
C GLN A 45 25.32 -11.25 -8.42
N VAL A 46 24.75 -11.39 -7.22
CA VAL A 46 25.34 -10.74 -6.05
C VAL A 46 26.75 -11.25 -5.75
N ALA A 47 27.03 -12.48 -6.16
CA ALA A 47 28.34 -13.07 -5.92
C ALA A 47 29.34 -12.70 -7.03
N ARG A 48 28.83 -12.38 -8.22
CA ARG A 48 29.70 -12.03 -9.33
C ARG A 48 30.50 -10.76 -9.14
N ARG A 49 30.09 -9.91 -8.20
CA ARG A 49 30.83 -8.68 -7.96
C ARG A 49 30.44 -7.97 -6.67
N PRO A 50 31.23 -6.97 -6.25
CA PRO A 50 30.97 -6.21 -5.03
C PRO A 50 29.79 -5.25 -5.17
N TYR A 51 28.88 -5.29 -4.21
CA TYR A 51 27.71 -4.41 -4.17
C TYR A 51 27.62 -3.75 -2.80
N ALA A 52 27.34 -2.44 -2.79
CA ALA A 52 27.22 -1.71 -1.54
C ALA A 52 25.87 -2.05 -0.89
N ALA A 53 24.88 -2.39 -1.72
CA ALA A 53 23.57 -2.72 -1.20
C ALA A 53 22.66 -3.30 -2.28
N MSE A 54 21.52 -3.80 -1.84
CA MSE A 54 20.51 -4.38 -2.73
C MSE A 54 19.15 -3.79 -2.39
O MSE A 54 18.86 -3.51 -1.22
CB MSE A 54 20.43 -5.92 -2.57
CG MSE A 54 19.27 -6.60 -3.32
SE MSE A 54 19.38 -8.57 -3.23
CE MSE A 54 17.84 -8.94 -4.42
N THR A 55 18.31 -3.61 -3.40
CA THR A 55 16.95 -3.15 -3.16
C THR A 55 16.14 -4.40 -3.52
N VAL A 56 15.15 -4.70 -2.70
CA VAL A 56 14.34 -5.89 -2.92
C VAL A 56 12.84 -5.69 -3.02
N ASP A 57 12.29 -6.23 -4.09
CA ASP A 57 10.86 -6.20 -4.34
C ASP A 57 10.31 -7.40 -3.60
N LEU A 58 9.29 -7.20 -2.78
CA LEU A 58 8.71 -8.29 -2.02
C LEU A 58 7.91 -9.27 -2.90
N ASN A 59 7.30 -8.76 -3.96
CA ASN A 59 6.49 -9.59 -4.85
C ASN A 59 7.22 -10.12 -6.08
N LEU A 60 8.09 -11.11 -5.87
CA LEU A 60 8.84 -11.70 -6.98
C LEU A 60 8.17 -12.98 -7.48
N PRO A 61 8.39 -13.34 -8.76
CA PRO A 61 7.81 -14.55 -9.36
C PRO A 61 8.21 -15.85 -8.66
N ASP A 62 9.46 -16.27 -8.83
CA ASP A 62 9.96 -17.51 -8.22
C ASP A 62 9.85 -17.53 -6.68
N GLN A 63 10.85 -17.01 -6.00
CA GLN A 63 10.84 -16.95 -4.53
C GLN A 63 10.45 -15.54 -4.16
N ASP A 64 9.67 -15.39 -3.09
CA ASP A 64 9.29 -14.04 -2.69
C ASP A 64 10.48 -13.34 -2.05
N GLY A 65 10.36 -12.02 -1.91
CA GLY A 65 11.43 -11.22 -1.35
C GLY A 65 11.97 -11.64 0.00
N VAL A 66 11.11 -12.01 0.94
CA VAL A 66 11.60 -12.40 2.25
C VAL A 66 12.44 -13.68 2.19
N SER A 67 12.08 -14.56 1.28
CA SER A 67 12.82 -15.81 1.09
C SER A 67 14.22 -15.50 0.59
N LEU A 68 14.30 -14.55 -0.35
CA LEU A 68 15.56 -14.13 -0.91
C LEU A 68 16.44 -13.54 0.18
N ILE A 69 15.87 -12.62 0.98
CA ILE A 69 16.63 -11.98 2.04
C ILE A 69 17.13 -12.97 3.10
N ARG A 70 16.30 -13.95 3.45
CA ARG A 70 16.69 -14.95 4.42
C ARG A 70 17.88 -15.73 3.88
N ALA A 71 17.83 -16.11 2.61
CA ALA A 71 18.90 -16.87 1.98
C ALA A 71 20.21 -16.06 2.00
N LEU A 72 20.12 -14.76 1.77
CA LEU A 72 21.30 -13.90 1.78
C LEU A 72 21.93 -13.77 3.16
N ARG A 73 21.11 -13.74 4.20
CA ARG A 73 21.64 -13.63 5.55
C ARG A 73 22.31 -14.94 6.04
N ARG A 74 21.96 -16.07 5.43
CA ARG A 74 22.54 -17.34 5.84
C ARG A 74 23.90 -17.63 5.19
N ASP A 75 24.36 -16.71 4.36
CA ASP A 75 25.65 -16.85 3.69
C ASP A 75 26.59 -15.76 4.21
N SER A 76 27.74 -16.18 4.75
CA SER A 76 28.69 -15.25 5.32
C SER A 76 29.12 -14.08 4.43
N ARG A 77 29.26 -14.31 3.13
CA ARG A 77 29.68 -13.24 2.24
C ARG A 77 28.62 -12.19 1.88
N THR A 78 27.37 -12.46 2.26
CA THR A 78 26.29 -11.52 2.00
C THR A 78 25.48 -11.22 3.26
N ARG A 79 26.01 -11.63 4.41
CA ARG A 79 25.34 -11.41 5.68
C ARG A 79 25.38 -9.93 6.08
N ASP A 80 26.38 -9.21 5.60
CA ASP A 80 26.52 -7.79 5.93
C ASP A 80 26.18 -6.84 4.78
N LEU A 81 25.50 -7.37 3.77
CA LEU A 81 25.09 -6.56 2.62
C LEU A 81 23.87 -5.72 3.01
N ALA A 82 23.98 -4.39 2.87
CA ALA A 82 22.84 -3.54 3.23
C ALA A 82 21.68 -3.84 2.28
N ILE A 83 20.47 -3.96 2.83
CA ILE A 83 19.29 -4.25 2.04
C ILE A 83 18.13 -3.30 2.36
N VAL A 84 17.49 -2.79 1.31
CA VAL A 84 16.34 -1.89 1.43
C VAL A 84 15.20 -2.53 0.63
N VAL A 85 14.06 -2.77 1.28
CA VAL A 85 12.92 -3.35 0.58
C VAL A 85 12.15 -2.20 -0.06
N VAL A 86 11.79 -2.36 -1.33
CA VAL A 86 11.03 -1.35 -2.07
C VAL A 86 9.95 -2.20 -2.71
N SER A 87 8.76 -2.13 -2.14
CA SER A 87 7.67 -2.96 -2.61
C SER A 87 6.33 -2.37 -2.28
N ALA A 88 5.31 -2.78 -3.04
CA ALA A 88 3.95 -2.32 -2.88
C ALA A 88 3.34 -2.68 -1.52
N ASN A 89 3.61 -3.88 -1.05
CA ASN A 89 3.09 -4.32 0.22
C ASN A 89 4.23 -4.32 1.24
N ALA A 90 5.03 -3.26 1.22
CA ALA A 90 6.18 -3.14 2.11
C ALA A 90 5.83 -3.08 3.59
N ARG A 91 4.86 -2.24 3.91
CA ARG A 91 4.43 -2.04 5.29
C ARG A 91 3.91 -3.35 5.91
N GLU A 92 2.96 -4.00 5.26
CA GLU A 92 2.44 -5.26 5.79
C GLU A 92 3.50 -6.35 5.79
N GLY A 93 4.47 -6.24 4.89
CA GLY A 93 5.54 -7.23 4.83
C GLY A 93 6.45 -7.09 6.03
N GLU A 94 6.70 -5.83 6.41
CA GLU A 94 7.53 -5.48 7.55
C GLU A 94 6.88 -5.92 8.85
N LEU A 95 5.59 -5.60 8.97
CA LEU A 95 4.81 -5.93 10.16
C LEU A 95 4.79 -7.45 10.39
N GLU A 96 4.80 -8.20 9.30
CA GLU A 96 4.73 -9.65 9.38
C GLU A 96 6.07 -10.40 9.52
N PHE A 97 7.11 -9.91 8.85
CA PHE A 97 8.41 -10.60 8.85
C PHE A 97 9.65 -9.93 9.42
N ASN A 98 9.61 -8.61 9.62
CA ASN A 98 10.78 -7.90 10.11
C ASN A 98 11.37 -8.47 11.39
N SER A 99 12.69 -8.53 11.45
CA SER A 99 13.38 -9.05 12.63
C SER A 99 14.85 -8.73 12.49
N GLN A 100 15.55 -8.62 13.61
CA GLN A 100 16.97 -8.32 13.58
C GLN A 100 17.78 -9.25 12.69
N PRO A 101 17.52 -10.56 12.75
CA PRO A 101 18.27 -11.49 11.90
C PRO A 101 18.12 -11.18 10.41
N LEU A 102 16.93 -10.71 10.03
CA LEU A 102 16.62 -10.36 8.63
C LEU A 102 17.47 -9.14 8.22
N ALA A 103 17.72 -8.26 9.17
CA ALA A 103 18.56 -7.08 8.94
C ALA A 103 18.22 -6.21 7.73
N VAL A 104 16.93 -5.97 7.52
CA VAL A 104 16.53 -5.11 6.42
C VAL A 104 16.49 -3.70 7.02
N SER A 105 17.33 -2.83 6.47
CA SER A 105 17.47 -1.48 6.96
C SER A 105 16.19 -0.63 6.93
N THR A 106 15.51 -0.66 5.80
CA THR A 106 14.28 0.12 5.65
C THR A 106 13.32 -0.56 4.69
N TRP A 107 12.03 -0.42 4.98
CA TRP A 107 10.96 -0.99 4.17
C TRP A 107 10.26 0.20 3.51
N LEU A 108 10.45 0.37 2.21
CA LEU A 108 9.86 1.48 1.47
C LEU A 108 8.69 1.05 0.59
N GLU A 109 7.65 1.86 0.59
CA GLU A 109 6.46 1.59 -0.21
C GLU A 109 6.54 2.21 -1.60
N LYS A 110 5.59 1.85 -2.44
CA LYS A 110 5.47 2.39 -3.79
C LYS A 110 4.10 3.07 -3.73
N PRO A 111 3.95 4.26 -4.35
CA PRO A 111 4.97 5.01 -5.11
C PRO A 111 6.21 5.36 -4.28
N ILE A 112 7.36 5.21 -4.91
CA ILE A 112 8.64 5.45 -4.28
C ILE A 112 8.99 6.89 -3.96
N ASP A 113 9.38 7.12 -2.72
CA ASP A 113 9.80 8.43 -2.27
C ASP A 113 11.31 8.48 -2.62
N GLU A 114 11.65 9.18 -3.69
CA GLU A 114 13.03 9.26 -4.14
C GLU A 114 14.03 9.72 -3.09
N ASN A 115 13.69 10.79 -2.37
CA ASN A 115 14.56 11.31 -1.33
C ASN A 115 14.79 10.28 -0.24
N LEU A 116 13.71 9.64 0.20
CA LEU A 116 13.82 8.65 1.24
C LEU A 116 14.62 7.46 0.71
N LEU A 117 14.48 7.16 -0.58
CA LEU A 117 15.24 6.03 -1.13
C LEU A 117 16.74 6.24 -1.05
N ILE A 118 17.19 7.40 -1.53
CA ILE A 118 18.61 7.71 -1.54
C ILE A 118 19.13 7.83 -0.11
N LEU A 119 18.38 8.53 0.73
CA LEU A 119 18.77 8.71 2.13
C LEU A 119 18.90 7.34 2.81
N SER A 120 17.87 6.51 2.66
CA SER A 120 17.86 5.17 3.24
C SER A 120 19.05 4.32 2.79
N LEU A 121 19.38 4.32 1.49
CA LEU A 121 20.53 3.53 1.05
C LEU A 121 21.83 4.03 1.69
N HIS A 122 22.01 5.35 1.76
CA HIS A 122 23.21 5.91 2.38
C HIS A 122 23.28 5.46 3.85
N ARG A 123 22.16 5.60 4.56
CA ARG A 123 22.04 5.19 5.95
C ARG A 123 22.37 3.71 6.08
N ALA A 124 21.66 2.88 5.31
CA ALA A 124 21.84 1.43 5.34
C ALA A 124 23.28 0.99 5.11
N ILE A 125 23.92 1.57 4.10
CA ILE A 125 25.29 1.24 3.77
C ILE A 125 26.24 1.60 4.91
N ASP A 126 26.11 2.82 5.44
CA ASP A 126 26.97 3.27 6.53
C ASP A 126 26.74 2.53 7.85
N ASN A 127 25.50 2.13 8.12
CA ASN A 127 25.23 1.39 9.35
C ASN A 127 25.76 0.00 9.25
N MSE A 128 25.64 -0.64 8.09
CA MSE A 128 26.16 -2.00 7.95
C MSE A 128 27.68 -2.04 7.96
O MSE A 128 28.26 -3.05 8.35
CB MSE A 128 25.64 -2.63 6.68
CG MSE A 128 25.34 -4.11 6.78
SE MSE A 128 23.63 -4.37 7.65
CE MSE A 128 22.92 -2.56 7.32
N ALA A 129 28.27 -0.98 7.46
CA ALA A 129 29.74 -0.79 7.47
C ALA A 129 30.19 -0.48 8.93
N PRO B 5 17.58 18.66 -25.96
CA PRO B 5 17.91 19.62 -24.90
C PRO B 5 16.98 20.83 -24.95
N ARG B 6 16.24 20.95 -26.04
CA ARG B 6 15.34 22.09 -26.24
C ARG B 6 13.85 21.72 -26.19
N PRO B 7 13.37 20.87 -27.12
CA PRO B 7 11.95 20.49 -27.12
C PRO B 7 11.50 19.94 -25.77
N ARG B 8 10.48 20.57 -25.19
CA ARG B 8 9.93 20.18 -23.90
C ARG B 8 8.70 19.31 -24.12
N ILE B 9 8.56 18.27 -23.30
CA ILE B 9 7.40 17.37 -23.40
C ILE B 9 6.54 17.49 -22.13
N LEU B 10 5.21 17.44 -22.27
CA LEU B 10 4.31 17.50 -21.10
C LEU B 10 3.91 16.06 -20.79
N ILE B 11 4.28 15.60 -19.60
CA ILE B 11 3.97 14.25 -19.20
C ILE B 11 2.71 14.19 -18.35
N CYS B 12 1.66 13.58 -18.90
CA CYS B 12 0.42 13.46 -18.16
C CYS B 12 0.27 12.00 -17.80
N GLU B 13 0.57 11.68 -16.54
CA GLU B 13 0.57 10.33 -16.01
C GLU B 13 0.08 10.28 -14.56
N ASP B 14 -0.76 9.29 -14.27
CA ASP B 14 -1.34 9.12 -12.95
C ASP B 14 -0.34 8.61 -11.88
N ASP B 15 0.35 7.52 -12.18
CA ASP B 15 1.33 6.92 -11.25
C ASP B 15 2.59 7.77 -11.12
N PRO B 16 2.88 8.28 -9.91
CA PRO B 16 4.09 9.10 -9.70
C PRO B 16 5.35 8.37 -10.15
N ASP B 17 5.42 7.07 -9.86
CA ASP B 17 6.57 6.27 -10.27
C ASP B 17 6.77 6.33 -11.78
N ILE B 18 5.67 6.17 -12.53
CA ILE B 18 5.74 6.18 -13.98
C ILE B 18 5.95 7.58 -14.55
N ALA B 19 5.39 8.59 -13.88
CA ALA B 19 5.56 9.97 -14.34
C ALA B 19 7.06 10.25 -14.29
N ARG B 20 7.66 9.98 -13.14
CA ARG B 20 9.07 10.21 -12.94
C ARG B 20 9.90 9.33 -13.85
N LEU B 21 9.42 8.13 -14.15
CA LEU B 21 10.17 7.26 -15.04
C LEU B 21 10.27 7.96 -16.39
N LEU B 22 9.11 8.38 -16.92
CA LEU B 22 9.06 9.07 -18.20
C LEU B 22 9.98 10.30 -18.18
N ASN B 23 9.93 11.03 -17.08
CA ASN B 23 10.75 12.23 -16.93
C ASN B 23 12.25 11.91 -17.12
N LEU B 24 12.73 10.82 -16.51
CA LEU B 24 14.12 10.42 -16.62
C LEU B 24 14.46 9.76 -17.95
N MSE B 25 13.52 9.02 -18.53
CA MSE B 25 13.77 8.43 -19.84
C MSE B 25 13.92 9.59 -20.88
O MSE B 25 14.82 9.60 -21.72
CB MSE B 25 12.61 7.47 -20.20
CG MSE B 25 12.70 6.06 -19.61
SE MSE B 25 11.08 5.14 -20.24
CE MSE B 25 11.75 3.26 -20.28
N LEU B 26 12.99 10.55 -20.79
CA LEU B 26 13.01 11.68 -21.71
C LEU B 26 14.31 12.44 -21.59
N GLU B 27 14.77 12.69 -20.37
CA GLU B 27 16.02 13.39 -20.16
C GLU B 27 17.16 12.70 -20.93
N LYS B 28 17.32 11.41 -20.70
CA LYS B 28 18.35 10.63 -21.37
C LYS B 28 18.22 10.75 -22.90
N GLY B 29 16.97 10.79 -23.37
CA GLY B 29 16.70 10.91 -24.79
C GLY B 29 16.95 12.30 -25.34
N GLY B 30 17.33 13.20 -24.45
CA GLY B 30 17.62 14.58 -24.83
C GLY B 30 16.45 15.53 -24.79
N PHE B 31 15.34 15.13 -24.17
CA PHE B 31 14.17 15.98 -24.08
C PHE B 31 14.01 16.53 -22.66
N ASP B 32 13.54 17.77 -22.56
CA ASP B 32 13.25 18.35 -21.25
C ASP B 32 11.76 18.04 -21.06
N SER B 33 11.26 18.11 -19.83
CA SER B 33 9.84 17.80 -19.60
C SER B 33 9.28 18.18 -18.23
N ASP B 34 7.95 18.30 -18.16
CA ASP B 34 7.29 18.59 -16.91
C ASP B 34 6.28 17.48 -16.68
N MSE B 35 5.91 17.25 -15.45
CA MSE B 35 4.96 16.21 -15.09
C MSE B 35 3.70 16.80 -14.46
O MSE B 35 3.76 17.70 -13.62
CB MSE B 35 5.59 15.24 -14.07
CG MSE B 35 7.01 14.78 -14.39
SE MSE B 35 7.77 13.65 -12.97
CE MSE B 35 8.63 15.15 -11.91
N VAL B 36 2.55 16.26 -14.86
CA VAL B 36 1.23 16.62 -14.34
C VAL B 36 0.53 15.28 -14.12
N HIS B 37 -0.44 15.24 -13.20
CA HIS B 37 -1.08 13.96 -12.87
C HIS B 37 -2.61 13.87 -13.00
N SER B 38 -3.19 14.70 -13.86
CA SER B 38 -4.63 14.68 -14.05
C SER B 38 -4.97 15.41 -15.35
N ALA B 39 -6.11 15.07 -15.93
CA ALA B 39 -6.52 15.72 -17.17
C ALA B 39 -6.62 17.23 -16.97
N ALA B 40 -7.23 17.65 -15.87
CA ALA B 40 -7.38 19.07 -15.58
C ALA B 40 -6.02 19.75 -15.46
N GLN B 41 -5.12 19.12 -14.70
CA GLN B 41 -3.80 19.68 -14.50
C GLN B 41 -3.06 19.83 -15.84
N ALA B 42 -3.27 18.87 -16.74
CA ALA B 42 -2.63 18.89 -18.06
C ALA B 42 -3.18 20.04 -18.90
N LEU B 43 -4.51 20.10 -18.98
CA LEU B 43 -5.19 21.14 -19.73
C LEU B 43 -4.72 22.52 -19.28
N GLU B 44 -4.51 22.68 -17.98
CA GLU B 44 -4.08 23.93 -17.42
C GLU B 44 -2.61 24.22 -17.69
N GLN B 45 -1.78 23.19 -17.51
CA GLN B 45 -0.35 23.33 -17.73
C GLN B 45 0.07 23.48 -19.19
N VAL B 46 -0.67 22.89 -20.12
CA VAL B 46 -0.30 22.98 -21.53
C VAL B 46 -0.39 24.39 -22.10
N ALA B 47 -1.22 25.22 -21.49
CA ALA B 47 -1.41 26.59 -21.93
C ALA B 47 -0.48 27.54 -21.18
N ARG B 48 0.42 26.99 -20.37
CA ARG B 48 1.34 27.84 -19.62
C ARG B 48 2.62 28.12 -20.39
N ARG B 49 3.07 27.16 -21.18
CA ARG B 49 4.28 27.32 -21.95
C ARG B 49 4.25 26.37 -23.13
N PRO B 50 5.08 26.63 -24.15
CA PRO B 50 5.15 25.80 -25.35
C PRO B 50 5.72 24.41 -25.14
N TYR B 51 5.05 23.42 -25.72
CA TYR B 51 5.47 22.03 -25.65
C TYR B 51 5.53 21.44 -27.04
N ALA B 52 6.53 20.61 -27.29
CA ALA B 52 6.65 19.98 -28.60
C ALA B 52 5.78 18.75 -28.68
N ALA B 53 5.36 18.23 -27.53
CA ALA B 53 4.52 17.03 -27.48
C ALA B 53 4.07 16.71 -26.06
N MSE B 54 3.12 15.77 -25.97
CA MSE B 54 2.60 15.32 -24.70
C MSE B 54 2.45 13.80 -24.74
O MSE B 54 2.10 13.22 -25.78
CB MSE B 54 1.24 15.96 -24.39
CG MSE B 54 0.59 15.56 -23.05
SE MSE B 54 -1.33 16.14 -22.88
CE MSE B 54 -0.98 18.09 -22.97
N THR B 55 2.75 13.17 -23.60
CA THR B 55 2.58 11.75 -23.41
C THR B 55 1.31 11.65 -22.55
N VAL B 56 0.47 10.69 -22.89
CA VAL B 56 -0.77 10.54 -22.19
C VAL B 56 -1.12 9.14 -21.70
N ASP B 57 -1.38 9.04 -20.41
CA ASP B 57 -1.82 7.81 -19.82
C ASP B 57 -3.36 7.85 -19.95
N LEU B 58 -3.98 6.76 -20.36
CA LEU B 58 -5.43 6.72 -20.50
C LEU B 58 -6.16 6.64 -19.17
N ASN B 59 -5.57 5.97 -18.20
CA ASN B 59 -6.23 5.81 -16.91
C ASN B 59 -6.00 6.94 -15.91
N LEU B 60 -6.33 8.17 -16.32
CA LEU B 60 -6.15 9.33 -15.43
C LEU B 60 -7.25 9.30 -14.34
N PRO B 61 -6.96 9.89 -13.17
CA PRO B 61 -7.92 9.92 -12.06
C PRO B 61 -9.23 10.70 -12.26
N ASP B 62 -9.15 11.89 -12.84
CA ASP B 62 -10.32 12.74 -13.05
C ASP B 62 -11.10 12.50 -14.34
N GLN B 63 -10.38 12.43 -15.47
CA GLN B 63 -10.99 12.19 -16.78
C GLN B 63 -10.29 11.02 -17.49
N ASP B 64 -11.04 10.31 -18.34
CA ASP B 64 -10.45 9.24 -19.12
C ASP B 64 -9.46 9.94 -20.07
N GLY B 65 -8.31 9.33 -20.29
CA GLY B 65 -7.31 9.91 -21.19
C GLY B 65 -7.87 10.18 -22.58
N VAL B 66 -8.87 9.38 -22.98
CA VAL B 66 -9.53 9.50 -24.28
C VAL B 66 -10.23 10.86 -24.34
N SER B 67 -10.90 11.24 -23.26
CA SER B 67 -11.60 12.51 -23.22
C SER B 67 -10.63 13.69 -23.20
N LEU B 68 -9.48 13.52 -22.53
CA LEU B 68 -8.49 14.59 -22.50
C LEU B 68 -8.00 14.85 -23.92
N ILE B 69 -7.70 13.78 -24.65
CA ILE B 69 -7.20 13.91 -26.00
C ILE B 69 -8.22 14.62 -26.91
N ARG B 70 -9.48 14.20 -26.86
CA ARG B 70 -10.51 14.82 -27.68
C ARG B 70 -10.63 16.29 -27.35
N ALA B 71 -10.58 16.63 -26.06
CA ALA B 71 -10.67 18.03 -25.65
C ALA B 71 -9.50 18.84 -26.23
N LEU B 72 -8.31 18.24 -26.25
CA LEU B 72 -7.13 18.90 -26.79
C LEU B 72 -7.26 19.11 -28.29
N ARG B 73 -7.96 18.19 -28.95
CA ARG B 73 -8.17 18.31 -30.38
C ARG B 73 -9.28 19.27 -30.77
N ARG B 74 -10.09 19.72 -29.81
CA ARG B 74 -11.17 20.67 -30.14
C ARG B 74 -10.67 22.10 -30.09
N ASP B 75 -9.55 22.29 -29.40
CA ASP B 75 -8.95 23.60 -29.24
C ASP B 75 -7.85 23.84 -30.29
N SER B 76 -8.06 24.82 -31.16
CA SER B 76 -7.10 25.14 -32.21
C SER B 76 -5.69 25.38 -31.66
N ARG B 77 -5.59 25.79 -30.41
CA ARG B 77 -4.29 26.04 -29.79
C ARG B 77 -3.51 24.76 -29.47
N THR B 78 -4.22 23.67 -29.25
CA THR B 78 -3.57 22.40 -28.93
C THR B 78 -3.93 21.25 -29.85
N ARG B 79 -4.70 21.50 -30.91
CA ARG B 79 -5.08 20.40 -31.80
C ARG B 79 -3.97 19.86 -32.68
N ASP B 80 -2.89 20.62 -32.80
CA ASP B 80 -1.74 20.19 -33.61
C ASP B 80 -0.57 19.72 -32.74
N LEU B 81 -0.72 19.84 -31.42
CA LEU B 81 0.32 19.41 -30.49
C LEU B 81 0.47 17.90 -30.60
N ALA B 82 1.67 17.43 -30.90
CA ALA B 82 1.88 15.99 -31.03
C ALA B 82 1.57 15.22 -29.74
N ILE B 83 0.88 14.09 -29.89
CA ILE B 83 0.56 13.30 -28.73
C ILE B 83 0.92 11.81 -28.84
N VAL B 84 1.63 11.33 -27.83
CA VAL B 84 1.98 9.91 -27.79
C VAL B 84 1.26 9.29 -26.58
N VAL B 85 0.50 8.22 -26.81
CA VAL B 85 -0.18 7.59 -25.69
C VAL B 85 0.75 6.49 -25.12
N VAL B 86 0.94 6.51 -23.80
CA VAL B 86 1.77 5.52 -23.12
C VAL B 86 0.90 4.99 -22.01
N SER B 87 0.32 3.82 -22.23
CA SER B 87 -0.63 3.33 -21.26
C SER B 87 -1.02 1.86 -21.39
N ALA B 88 -1.58 1.34 -20.31
CA ALA B 88 -2.10 -0.02 -20.25
C ALA B 88 -3.41 0.09 -21.04
N ASN B 89 -3.88 -1.00 -21.65
CA ASN B 89 -5.12 -0.93 -22.45
C ASN B 89 -4.97 0.09 -23.59
N ALA B 90 -3.76 0.23 -24.13
CA ALA B 90 -3.54 1.21 -25.20
C ALA B 90 -4.35 0.87 -26.46
N ARG B 91 -4.49 -0.41 -26.74
CA ARG B 91 -5.22 -0.83 -27.93
C ARG B 91 -6.71 -0.49 -27.81
N GLU B 92 -7.29 -0.73 -26.63
CA GLU B 92 -8.69 -0.44 -26.39
C GLU B 92 -8.92 1.05 -26.62
N GLY B 93 -7.93 1.85 -26.19
CA GLY B 93 -8.03 3.29 -26.36
C GLY B 93 -7.92 3.71 -27.82
N GLU B 94 -7.04 3.05 -28.56
CA GLU B 94 -6.84 3.36 -29.97
C GLU B 94 -8.15 3.13 -30.71
N LEU B 95 -8.82 2.04 -30.35
CA LEU B 95 -10.09 1.67 -30.95
C LEU B 95 -11.14 2.77 -30.80
N GLU B 96 -11.03 3.56 -29.73
CA GLU B 96 -11.96 4.65 -29.48
C GLU B 96 -11.78 5.76 -30.53
N PHE B 97 -10.67 5.75 -31.24
CA PHE B 97 -10.40 6.78 -32.24
C PHE B 97 -10.51 6.26 -33.66
N ASN B 98 -11.43 5.31 -33.85
CA ASN B 98 -11.67 4.72 -35.16
C ASN B 98 -12.03 5.77 -36.22
N SER B 99 -12.66 6.87 -35.79
CA SER B 99 -13.07 7.95 -36.69
C SER B 99 -12.21 9.22 -36.62
N GLN B 100 -11.06 9.12 -35.98
CA GLN B 100 -10.17 10.28 -35.84
C GLN B 100 -8.73 9.74 -35.88
N PRO B 101 -8.33 9.19 -37.05
CA PRO B 101 -7.01 8.60 -37.30
C PRO B 101 -5.75 9.41 -37.00
N LEU B 102 -5.85 10.73 -36.94
CA LEU B 102 -4.69 11.54 -36.68
C LEU B 102 -4.71 12.23 -35.33
N ALA B 103 -5.62 11.82 -34.47
CA ALA B 103 -5.71 12.43 -33.14
C ALA B 103 -4.43 12.16 -32.34
N VAL B 104 -3.94 10.93 -32.45
CA VAL B 104 -2.74 10.45 -31.74
C VAL B 104 -1.71 9.87 -32.69
N SER B 105 -0.45 10.28 -32.50
CA SER B 105 0.67 9.83 -33.32
C SER B 105 1.07 8.36 -33.11
N THR B 106 1.20 7.95 -31.86
CA THR B 106 1.60 6.59 -31.55
C THR B 106 0.96 6.13 -30.26
N TRP B 107 0.54 4.87 -30.24
CA TRP B 107 -0.08 4.24 -29.07
C TRP B 107 0.91 3.19 -28.53
N LEU B 108 1.51 3.50 -27.39
CA LEU B 108 2.48 2.60 -26.77
C LEU B 108 1.93 2.00 -25.49
N GLU B 109 2.20 0.71 -25.29
CA GLU B 109 1.75 0.02 -24.11
C GLU B 109 2.81 0.05 -23.02
N LYS B 110 2.47 -0.52 -21.88
CA LYS B 110 3.38 -0.62 -20.74
C LYS B 110 3.54 -2.12 -20.57
N PRO B 111 4.73 -2.59 -20.15
CA PRO B 111 5.95 -1.83 -19.84
C PRO B 111 6.49 -1.03 -21.00
N ILE B 112 7.03 0.14 -20.69
CA ILE B 112 7.54 1.08 -21.69
C ILE B 112 8.77 0.66 -22.48
N ASP B 113 8.61 0.59 -23.79
CA ASP B 113 9.72 0.27 -24.67
C ASP B 113 10.42 1.62 -24.85
N GLU B 114 11.47 1.83 -24.07
CA GLU B 114 12.23 3.09 -24.04
C GLU B 114 12.73 3.57 -25.39
N ASN B 115 13.28 2.65 -26.17
CA ASN B 115 13.80 3.01 -27.47
C ASN B 115 12.67 3.49 -28.38
N LEU B 116 11.58 2.73 -28.38
CA LEU B 116 10.42 3.05 -29.21
C LEU B 116 9.76 4.36 -28.78
N LEU B 117 9.83 4.69 -27.49
CA LEU B 117 9.24 5.93 -27.01
C LEU B 117 9.98 7.14 -27.54
N ILE B 118 11.31 7.15 -27.39
CA ILE B 118 12.12 8.26 -27.86
C ILE B 118 11.94 8.37 -29.39
N LEU B 119 12.01 7.24 -30.09
CA LEU B 119 11.82 7.22 -31.54
C LEU B 119 10.46 7.81 -31.96
N SER B 120 9.39 7.42 -31.27
CA SER B 120 8.05 7.91 -31.56
C SER B 120 7.93 9.41 -31.38
N LEU B 121 8.55 9.93 -30.32
CA LEU B 121 8.49 11.36 -30.07
C LEU B 121 9.19 12.09 -31.22
N HIS B 122 10.31 11.55 -31.69
CA HIS B 122 11.00 12.18 -32.82
C HIS B 122 10.15 12.10 -34.08
N ARG B 123 9.52 10.95 -34.31
CA ARG B 123 8.65 10.77 -35.48
C ARG B 123 7.53 11.81 -35.44
N ALA B 124 6.93 11.99 -34.27
CA ALA B 124 5.89 13.01 -34.10
C ALA B 124 6.76 14.27 -33.97
N ILE B 125 6.18 15.43 -33.72
CA ILE B 125 7.01 16.63 -33.62
C ILE B 125 7.54 16.98 -35.02
N ASP B 126 8.53 16.22 -35.49
CA ASP B 126 9.10 16.42 -36.81
C ASP B 126 8.09 16.05 -37.89
N ASN B 127 6.85 15.79 -37.44
CA ASN B 127 5.76 15.44 -38.33
C ASN B 127 4.81 16.62 -38.45
N PRO C 5 -24.66 -18.49 6.28
CA PRO C 5 -23.42 -17.68 6.42
C PRO C 5 -22.21 -18.36 5.80
N ARG C 6 -21.90 -18.03 4.55
CA ARG C 6 -20.75 -18.61 3.88
C ARG C 6 -19.90 -17.56 3.17
N PRO C 7 -20.48 -16.81 2.22
CA PRO C 7 -19.63 -15.80 1.57
C PRO C 7 -19.22 -14.76 2.62
N ARG C 8 -17.92 -14.50 2.73
CA ARG C 8 -17.44 -13.54 3.71
C ARG C 8 -17.18 -12.18 3.03
N ILE C 9 -17.57 -11.10 3.72
CA ILE C 9 -17.42 -9.74 3.22
C ILE C 9 -16.47 -8.92 4.10
N LEU C 10 -15.63 -8.11 3.47
CA LEU C 10 -14.74 -7.27 4.26
C LEU C 10 -15.37 -5.89 4.26
N ILE C 11 -15.76 -5.42 5.44
CA ILE C 11 -16.38 -4.12 5.63
C ILE C 11 -15.29 -3.12 6.02
N CYS C 12 -15.10 -2.08 5.20
CA CYS C 12 -14.12 -1.03 5.47
C CYS C 12 -14.92 0.22 5.68
N GLU C 13 -15.06 0.62 6.95
CA GLU C 13 -15.86 1.77 7.32
C GLU C 13 -15.23 2.53 8.51
N ASP C 14 -15.17 3.85 8.40
CA ASP C 14 -14.57 4.67 9.44
C ASP C 14 -15.37 4.73 10.75
N ASP C 15 -16.68 4.85 10.64
CA ASP C 15 -17.56 4.94 11.80
C ASP C 15 -17.81 3.54 12.36
N PRO C 16 -17.38 3.28 13.61
CA PRO C 16 -17.61 1.95 14.17
C PRO C 16 -19.08 1.57 14.34
N ASP C 17 -19.96 2.55 14.55
CA ASP C 17 -21.39 2.21 14.66
C ASP C 17 -21.87 1.70 13.28
N ILE C 18 -21.49 2.40 12.22
CA ILE C 18 -21.90 1.99 10.87
C ILE C 18 -21.23 0.68 10.45
N ALA C 19 -20.00 0.44 10.89
CA ALA C 19 -19.35 -0.80 10.54
C ALA C 19 -20.13 -1.95 11.18
N ARG C 20 -20.60 -1.75 12.41
CA ARG C 20 -21.37 -2.79 13.09
C ARG C 20 -22.72 -2.98 12.44
N LEU C 21 -23.32 -1.87 12.00
CA LEU C 21 -24.61 -1.89 11.32
C LEU C 21 -24.49 -2.78 10.09
N LEU C 22 -23.44 -2.56 9.31
CA LEU C 22 -23.20 -3.35 8.11
C LEU C 22 -23.00 -4.81 8.52
N ASN C 23 -22.20 -5.03 9.55
CA ASN C 23 -21.96 -6.37 10.01
C ASN C 23 -23.27 -7.11 10.34
N LEU C 24 -24.20 -6.44 11.01
CA LEU C 24 -25.47 -7.05 11.38
C LEU C 24 -26.43 -7.20 10.20
N MSE C 25 -26.45 -6.24 9.30
CA MSE C 25 -27.32 -6.33 8.13
C MSE C 25 -26.91 -7.53 7.25
O MSE C 25 -27.75 -8.28 6.79
CB MSE C 25 -27.26 -5.04 7.32
CG MSE C 25 -28.05 -3.87 7.86
SE MSE C 25 -27.77 -2.41 6.62
CE MSE C 25 -28.98 -1.11 7.43
N LEU C 26 -25.61 -7.69 7.06
CA LEU C 26 -25.04 -8.77 6.28
C LEU C 26 -25.28 -10.14 6.91
N GLU C 27 -25.21 -10.23 8.23
CA GLU C 27 -25.43 -11.51 8.89
C GLU C 27 -26.88 -11.92 8.60
N LYS C 28 -27.80 -10.97 8.76
CA LYS C 28 -29.20 -11.24 8.51
C LYS C 28 -29.42 -11.62 7.03
N GLY C 29 -28.48 -11.26 6.17
CA GLY C 29 -28.60 -11.58 4.76
C GLY C 29 -27.83 -12.79 4.29
N GLY C 30 -27.35 -13.61 5.24
CA GLY C 30 -26.62 -14.81 4.87
C GLY C 30 -25.13 -14.62 4.69
N PHE C 31 -24.61 -13.46 5.05
CA PHE C 31 -23.18 -13.18 4.91
C PHE C 31 -22.41 -13.11 6.22
N ASP C 32 -21.20 -13.64 6.22
CA ASP C 32 -20.32 -13.53 7.38
C ASP C 32 -19.52 -12.30 6.98
N SER C 33 -18.94 -11.59 7.93
CA SER C 33 -18.15 -10.41 7.58
C SER C 33 -17.23 -9.94 8.68
N ASP C 34 -16.13 -9.31 8.27
CA ASP C 34 -15.16 -8.77 9.19
C ASP C 34 -15.16 -7.23 9.05
N MSE C 35 -14.92 -6.55 10.15
CA MSE C 35 -14.89 -5.09 10.16
C MSE C 35 -13.47 -4.53 10.37
O MSE C 35 -12.78 -4.92 11.31
CB MSE C 35 -15.79 -4.52 11.25
CG MSE C 35 -17.17 -5.08 11.29
SE MSE C 35 -18.07 -4.42 12.86
CE MSE C 35 -17.46 -5.95 13.99
N VAL C 36 -13.09 -3.61 9.50
CA VAL C 36 -11.81 -2.90 9.55
C VAL C 36 -12.19 -1.42 9.43
N HIS C 37 -11.37 -0.53 9.97
CA HIS C 37 -11.72 0.89 9.95
C HIS C 37 -10.90 1.84 9.10
N SER C 38 -9.94 1.32 8.34
CA SER C 38 -9.12 2.19 7.49
C SER C 38 -8.60 1.46 6.25
N ALA C 39 -8.17 2.23 5.26
CA ALA C 39 -7.63 1.65 4.02
C ALA C 39 -6.43 0.77 4.37
N ALA C 40 -5.53 1.31 5.21
CA ALA C 40 -4.35 0.58 5.64
C ALA C 40 -4.78 -0.80 6.13
N GLN C 41 -5.76 -0.82 7.03
CA GLN C 41 -6.23 -2.09 7.57
C GLN C 41 -6.85 -2.96 6.50
N ALA C 42 -7.64 -2.36 5.63
CA ALA C 42 -8.27 -3.10 4.55
C ALA C 42 -7.22 -3.81 3.69
N LEU C 43 -6.19 -3.07 3.29
CA LEU C 43 -5.12 -3.63 2.48
C LEU C 43 -4.42 -4.78 3.19
N GLU C 44 -4.25 -4.65 4.50
CA GLU C 44 -3.59 -5.66 5.29
C GLU C 44 -4.46 -6.90 5.47
N GLN C 45 -5.70 -6.68 5.88
CA GLN C 45 -6.64 -7.78 6.13
C GLN C 45 -7.15 -8.55 4.93
N VAL C 46 -7.31 -7.90 3.78
CA VAL C 46 -7.84 -8.56 2.58
C VAL C 46 -7.06 -9.78 2.06
N ALA C 47 -5.78 -9.89 2.38
CA ALA C 47 -5.01 -11.05 1.93
C ALA C 47 -4.98 -12.15 2.98
N ARG C 48 -5.17 -11.77 4.24
CA ARG C 48 -5.14 -12.73 5.35
C ARG C 48 -6.15 -13.86 5.23
N ARG C 49 -7.22 -13.65 4.48
CA ARG C 49 -8.21 -14.70 4.27
C ARG C 49 -9.12 -14.41 3.09
N PRO C 50 -9.79 -15.45 2.56
CA PRO C 50 -10.69 -15.34 1.41
C PRO C 50 -11.97 -14.51 1.61
N TYR C 51 -12.13 -13.45 0.83
CA TYR C 51 -13.32 -12.60 0.89
C TYR C 51 -13.98 -12.62 -0.48
N ALA C 52 -15.31 -12.68 -0.50
CA ALA C 52 -16.06 -12.70 -1.75
C ALA C 52 -16.28 -11.27 -2.24
N ALA C 53 -16.19 -10.30 -1.33
CA ALA C 53 -16.37 -8.89 -1.66
C ALA C 53 -15.97 -7.99 -0.50
N MSE C 54 -15.96 -6.69 -0.76
CA MSE C 54 -15.64 -5.67 0.24
C MSE C 54 -16.60 -4.49 0.08
O MSE C 54 -16.91 -4.12 -1.05
CB MSE C 54 -14.19 -5.19 0.08
CG MSE C 54 -13.76 -4.08 1.01
SE MSE C 54 -11.96 -3.37 0.56
CE MSE C 54 -10.97 -5.04 0.50
N THR C 55 -17.08 -3.93 1.18
CA THR C 55 -17.93 -2.75 1.14
C THR C 55 -16.95 -1.64 1.48
N VAL C 56 -17.05 -0.53 0.76
CA VAL C 56 -16.12 0.57 0.96
C VAL C 56 -16.73 1.94 1.17
N ASP C 57 -16.33 2.56 2.27
CA ASP C 57 -16.76 3.92 2.60
C ASP C 57 -15.79 4.86 1.89
N LEU C 58 -16.33 5.87 1.22
CA LEU C 58 -15.52 6.82 0.50
C LEU C 58 -14.81 7.82 1.42
N ASN C 59 -15.46 8.16 2.53
CA ASN C 59 -14.90 9.13 3.47
C ASN C 59 -13.98 8.59 4.56
N LEU C 60 -12.88 7.96 4.17
CA LEU C 60 -11.92 7.43 5.15
C LEU C 60 -10.91 8.55 5.41
N PRO C 61 -10.30 8.55 6.61
CA PRO C 61 -9.32 9.57 7.00
C PRO C 61 -7.88 9.38 6.48
N ASP C 62 -7.26 8.25 6.81
CA ASP C 62 -5.87 7.99 6.40
C ASP C 62 -5.64 8.20 4.90
N GLN C 63 -6.61 7.75 4.11
CA GLN C 63 -6.58 7.89 2.66
C GLN C 63 -7.98 7.48 2.23
N ASP C 64 -8.61 8.29 1.39
CA ASP C 64 -9.97 7.99 0.96
C ASP C 64 -10.14 6.60 0.38
N GLY C 65 -11.40 6.18 0.27
CA GLY C 65 -11.72 4.87 -0.26
C GLY C 65 -11.31 4.65 -1.70
N VAL C 66 -11.34 5.70 -2.51
CA VAL C 66 -10.95 5.61 -3.92
C VAL C 66 -9.50 5.18 -4.03
N SER C 67 -8.66 5.74 -3.15
CA SER C 67 -7.23 5.42 -3.12
C SER C 67 -7.10 3.94 -2.77
N LEU C 68 -7.98 3.47 -1.89
CA LEU C 68 -7.98 2.08 -1.46
C LEU C 68 -8.39 1.19 -2.64
N ILE C 69 -9.47 1.58 -3.30
CA ILE C 69 -9.97 0.81 -4.43
C ILE C 69 -8.91 0.71 -5.53
N ARG C 70 -8.27 1.83 -5.87
CA ARG C 70 -7.23 1.79 -6.90
C ARG C 70 -6.05 0.91 -6.50
N ALA C 71 -5.70 0.93 -5.22
CA ALA C 71 -4.60 0.09 -4.76
C ALA C 71 -5.00 -1.38 -4.89
N LEU C 72 -6.29 -1.67 -4.70
CA LEU C 72 -6.80 -3.02 -4.81
C LEU C 72 -6.76 -3.51 -6.25
N ARG C 73 -7.02 -2.61 -7.20
CA ARG C 73 -7.01 -3.03 -8.59
C ARG C 73 -5.60 -3.17 -9.15
N ARG C 74 -4.61 -2.58 -8.46
CA ARG C 74 -3.23 -2.69 -8.90
C ARG C 74 -2.64 -4.05 -8.49
N ASP C 75 -3.14 -4.61 -7.39
CA ASP C 75 -2.67 -5.92 -6.92
C ASP C 75 -3.45 -7.03 -7.62
N SER C 76 -2.73 -7.92 -8.28
CA SER C 76 -3.32 -9.03 -9.02
C SER C 76 -4.25 -9.92 -8.19
N ARG C 77 -3.93 -10.08 -6.91
CA ARG C 77 -4.73 -10.93 -6.03
C ARG C 77 -6.13 -10.39 -5.75
N THR C 78 -6.31 -9.07 -5.85
CA THR C 78 -7.60 -8.46 -5.57
C THR C 78 -8.19 -7.68 -6.75
N ARG C 79 -7.60 -7.84 -7.93
CA ARG C 79 -8.09 -7.12 -9.10
C ARG C 79 -9.51 -7.57 -9.46
N ASP C 80 -9.85 -8.81 -9.08
CA ASP C 80 -11.17 -9.38 -9.36
C ASP C 80 -12.15 -9.40 -8.16
N LEU C 81 -11.74 -8.81 -7.04
CA LEU C 81 -12.56 -8.72 -5.83
C LEU C 81 -13.79 -7.84 -6.08
N ALA C 82 -14.97 -8.36 -5.80
CA ALA C 82 -16.18 -7.57 -6.00
C ALA C 82 -16.13 -6.45 -4.96
N ILE C 83 -16.46 -5.25 -5.39
CA ILE C 83 -16.45 -4.12 -4.48
C ILE C 83 -17.77 -3.38 -4.58
N VAL C 84 -18.30 -3.01 -3.42
CA VAL C 84 -19.54 -2.25 -3.40
C VAL C 84 -19.26 -1.02 -2.54
N VAL C 85 -19.42 0.16 -3.10
CA VAL C 85 -19.20 1.36 -2.31
C VAL C 85 -20.48 1.63 -1.50
N VAL C 86 -20.30 2.01 -0.24
CA VAL C 86 -21.41 2.34 0.66
C VAL C 86 -20.95 3.64 1.32
N SER C 87 -21.42 4.75 0.80
CA SER C 87 -20.99 6.05 1.30
C SER C 87 -22.00 7.18 1.19
N ALA C 88 -21.83 8.15 2.10
CA ALA C 88 -22.65 9.36 2.18
C ALA C 88 -23.20 9.85 0.84
N ASN C 89 -22.32 10.23 -0.08
CA ASN C 89 -22.80 10.68 -1.38
C ASN C 89 -22.19 9.83 -2.48
N ALA C 90 -22.55 8.55 -2.46
CA ALA C 90 -22.04 7.59 -3.40
C ALA C 90 -22.26 7.94 -4.87
N ARG C 91 -23.47 8.33 -5.24
CA ARG C 91 -23.76 8.66 -6.65
C ARG C 91 -22.91 9.79 -7.23
N GLU C 92 -22.79 10.90 -6.51
CA GLU C 92 -21.97 12.00 -7.01
C GLU C 92 -20.50 11.64 -6.87
N GLY C 93 -20.21 10.67 -6.01
CA GLY C 93 -18.84 10.23 -5.84
C GLY C 93 -18.42 9.53 -7.13
N GLU C 94 -19.30 8.67 -7.64
CA GLU C 94 -19.05 7.92 -8.86
C GLU C 94 -18.90 8.83 -10.09
N LEU C 95 -19.77 9.82 -10.22
CA LEU C 95 -19.74 10.73 -11.34
C LEU C 95 -18.66 11.81 -11.18
N GLU C 96 -17.81 11.67 -10.19
CA GLU C 96 -16.81 12.69 -9.93
C GLU C 96 -15.35 12.44 -10.34
N PHE C 97 -15.01 11.25 -10.85
CA PHE C 97 -13.62 10.98 -11.22
C PHE C 97 -13.33 9.71 -12.02
N ASN C 98 -13.76 9.69 -13.28
CA ASN C 98 -13.54 8.52 -14.14
C ASN C 98 -14.30 7.33 -13.57
N SER C 99 -13.80 6.84 -12.44
CA SER C 99 -14.38 5.72 -11.69
C SER C 99 -14.68 4.44 -12.47
N GLN C 100 -14.95 4.56 -13.76
CA GLN C 100 -15.25 3.39 -14.58
C GLN C 100 -14.17 2.30 -14.50
N PRO C 101 -12.90 2.67 -14.71
CA PRO C 101 -11.83 1.65 -14.65
C PRO C 101 -11.68 0.92 -13.32
N LEU C 102 -12.14 1.52 -12.23
CA LEU C 102 -12.06 0.93 -10.89
C LEU C 102 -12.94 -0.30 -10.77
N ALA C 103 -13.89 -0.40 -11.68
CA ALA C 103 -14.83 -1.51 -11.72
C ALA C 103 -15.54 -1.81 -10.40
N VAL C 104 -16.10 -0.81 -9.75
CA VAL C 104 -16.83 -1.14 -8.54
C VAL C 104 -18.20 -1.54 -9.06
N SER C 105 -18.75 -2.60 -8.50
CA SER C 105 -20.04 -3.11 -8.93
C SER C 105 -21.21 -2.16 -8.64
N THR C 106 -21.24 -1.55 -7.46
CA THR C 106 -22.36 -0.65 -7.13
C THR C 106 -21.96 0.46 -6.18
N TRP C 107 -22.61 1.59 -6.33
CA TRP C 107 -22.38 2.77 -5.50
C TRP C 107 -23.66 3.05 -4.71
N LEU C 108 -23.68 2.63 -3.45
CA LEU C 108 -24.83 2.80 -2.58
C LEU C 108 -24.68 3.96 -1.60
N GLU C 109 -25.76 4.69 -1.39
CA GLU C 109 -25.79 5.82 -0.47
C GLU C 109 -26.20 5.51 0.95
N LYS C 110 -25.99 6.50 1.82
CA LYS C 110 -26.38 6.43 3.22
C LYS C 110 -27.44 7.52 3.34
N PRO C 111 -28.49 7.31 4.15
CA PRO C 111 -28.78 6.10 4.92
C PRO C 111 -28.79 4.85 4.06
N ILE C 112 -28.39 3.73 4.63
CA ILE C 112 -28.29 2.48 3.90
C ILE C 112 -29.57 1.70 3.65
N ASP C 113 -29.82 1.40 2.38
CA ASP C 113 -31.00 0.62 2.02
C ASP C 113 -30.54 -0.83 2.17
N GLU C 114 -31.00 -1.48 3.23
CA GLU C 114 -30.63 -2.85 3.56
C GLU C 114 -30.92 -3.87 2.47
N ASN C 115 -32.08 -3.71 1.84
CA ASN C 115 -32.50 -4.63 0.81
C ASN C 115 -31.62 -4.48 -0.42
N LEU C 116 -31.35 -3.25 -0.83
CA LEU C 116 -30.51 -3.00 -1.97
C LEU C 116 -29.08 -3.51 -1.67
N LEU C 117 -28.64 -3.34 -0.42
CA LEU C 117 -27.32 -3.78 -0.02
C LEU C 117 -27.14 -5.28 -0.26
N ILE C 118 -28.01 -6.10 0.33
CA ILE C 118 -27.90 -7.53 0.17
C ILE C 118 -27.96 -7.95 -1.32
N LEU C 119 -28.93 -7.44 -2.06
CA LEU C 119 -29.08 -7.78 -3.48
C LEU C 119 -27.85 -7.39 -4.33
N SER C 120 -27.29 -6.20 -4.07
CA SER C 120 -26.14 -5.75 -4.83
C SER C 120 -24.92 -6.63 -4.50
N LEU C 121 -24.78 -7.02 -3.24
CA LEU C 121 -23.64 -7.86 -2.89
C LEU C 121 -23.75 -9.21 -3.62
N HIS C 122 -24.92 -9.83 -3.58
CA HIS C 122 -25.12 -11.10 -4.26
C HIS C 122 -24.89 -10.91 -5.75
N ARG C 123 -25.32 -9.75 -6.27
CA ARG C 123 -25.17 -9.41 -7.67
C ARG C 123 -23.69 -9.35 -8.04
N ALA C 124 -22.96 -8.49 -7.34
CA ALA C 124 -21.54 -8.28 -7.54
C ALA C 124 -20.70 -9.56 -7.51
N ILE C 125 -20.99 -10.42 -6.54
CA ILE C 125 -20.28 -11.67 -6.38
C ILE C 125 -20.53 -12.62 -7.54
N ASP C 126 -21.64 -12.40 -8.25
CA ASP C 126 -21.95 -13.25 -9.41
C ASP C 126 -21.35 -12.67 -10.68
N ASN C 127 -21.40 -11.35 -10.78
CA ASN C 127 -20.87 -10.62 -11.93
C ASN C 127 -19.35 -10.66 -12.02
N MSE C 128 -18.65 -10.18 -10.98
CA MSE C 128 -17.19 -10.25 -11.02
C MSE C 128 -16.92 -11.74 -11.29
O MSE C 128 -15.83 -12.15 -11.64
CB MSE C 128 -16.59 -9.77 -9.67
CG MSE C 128 -15.68 -8.50 -9.77
SE MSE C 128 -16.44 -7.15 -10.96
CE MSE C 128 -18.24 -7.31 -10.23
N ALA C 129 -18.02 -12.48 -11.15
CA ALA C 129 -18.12 -13.96 -11.38
C ALA C 129 -16.92 -14.80 -10.86
N PRO D 5 15.09 2.05 26.51
CA PRO D 5 14.01 2.66 27.33
C PRO D 5 13.40 3.95 26.78
N ARG D 6 12.57 3.82 25.73
CA ARG D 6 11.91 4.98 25.14
C ARG D 6 10.41 4.71 24.93
N PRO D 7 10.06 3.72 24.09
CA PRO D 7 8.65 3.42 23.85
C PRO D 7 8.07 2.89 25.17
N ARG D 8 7.00 3.51 25.67
CA ARG D 8 6.40 3.08 26.92
C ARG D 8 5.19 2.17 26.68
N ILE D 9 5.14 1.09 27.44
CA ILE D 9 4.09 0.11 27.30
C ILE D 9 3.25 -0.04 28.56
N LEU D 10 1.93 -0.13 28.38
CA LEU D 10 1.06 -0.31 29.55
C LEU D 10 0.75 -1.80 29.69
N ILE D 11 1.13 -2.38 30.81
CA ILE D 11 0.89 -3.80 31.11
C ILE D 11 -0.39 -3.98 31.95
N CYS D 12 -1.39 -4.64 31.40
CA CYS D 12 -2.62 -4.86 32.13
C CYS D 12 -2.72 -6.35 32.49
N GLU D 13 -2.31 -6.66 33.72
CA GLU D 13 -2.27 -8.04 34.19
C GLU D 13 -2.63 -8.13 35.66
N ASP D 14 -3.53 -9.07 35.97
CA ASP D 14 -3.99 -9.24 37.34
C ASP D 14 -3.02 -10.02 38.23
N ASP D 15 -2.32 -11.00 37.67
CA ASP D 15 -1.36 -11.78 38.42
C ASP D 15 -0.10 -10.94 38.65
N PRO D 16 0.26 -10.70 39.93
CA PRO D 16 1.44 -9.92 40.30
C PRO D 16 2.77 -10.48 39.76
N ASP D 17 2.92 -11.80 39.77
CA ASP D 17 4.13 -12.41 39.28
C ASP D 17 4.23 -12.21 37.76
N ILE D 18 3.12 -12.46 37.07
CA ILE D 18 3.13 -12.32 35.62
C ILE D 18 3.33 -10.85 35.24
N ALA D 19 2.65 -9.95 35.95
CA ALA D 19 2.80 -8.53 35.67
C ALA D 19 4.28 -8.17 35.75
N ARG D 20 4.94 -8.61 36.84
CA ARG D 20 6.35 -8.31 37.02
C ARG D 20 7.19 -8.99 35.94
N LEU D 21 6.82 -10.21 35.57
CA LEU D 21 7.52 -10.94 34.52
C LEU D 21 7.53 -10.09 33.25
N LEU D 22 6.36 -9.59 32.86
CA LEU D 22 6.23 -8.78 31.67
C LEU D 22 7.08 -7.52 31.83
N ASN D 23 7.03 -6.92 33.02
CA ASN D 23 7.80 -5.73 33.30
C ASN D 23 9.29 -5.99 33.03
N LEU D 24 9.81 -7.10 33.56
CA LEU D 24 11.22 -7.44 33.36
C LEU D 24 11.52 -7.87 31.94
N MSE D 25 10.60 -8.57 31.29
CA MSE D 25 10.83 -8.98 29.90
C MSE D 25 10.95 -7.75 28.97
O MSE D 25 11.87 -7.64 28.18
CB MSE D 25 9.68 -9.87 29.40
CG MSE D 25 9.65 -11.28 29.97
SE MSE D 25 8.21 -12.29 29.07
CE MSE D 25 8.67 -14.08 29.71
N LEU D 26 10.01 -6.84 29.11
CA LEU D 26 9.96 -5.62 28.30
C LEU D 26 11.23 -4.76 28.48
N GLU D 27 11.68 -4.65 29.73
CA GLU D 27 12.87 -3.87 30.02
C GLU D 27 14.06 -4.45 29.25
N LYS D 28 14.24 -5.77 29.35
CA LYS D 28 15.32 -6.45 28.68
C LYS D 28 15.21 -6.23 27.17
N GLY D 29 13.98 -6.02 26.69
CA GLY D 29 13.77 -5.79 25.27
C GLY D 29 13.89 -4.33 24.87
N GLY D 30 14.19 -3.46 25.82
CA GLY D 30 14.34 -2.05 25.53
C GLY D 30 13.10 -1.20 25.71
N PHE D 31 12.09 -1.74 26.38
CA PHE D 31 10.85 -0.99 26.60
C PHE D 31 10.65 -0.60 28.05
N ASP D 32 10.13 0.61 28.28
CA ASP D 32 9.78 1.05 29.63
C ASP D 32 8.34 0.58 29.72
N SER D 33 7.82 0.42 30.93
CA SER D 33 6.44 -0.01 31.08
C SER D 33 5.88 0.28 32.46
N ASP D 34 4.55 0.29 32.54
CA ASP D 34 3.83 0.51 33.78
C ASP D 34 2.91 -0.68 33.91
N MSE D 35 2.59 -1.05 35.14
CA MSE D 35 1.72 -2.18 35.36
C MSE D 35 0.43 -1.69 36.04
O MSE D 35 0.46 -0.80 36.89
CB MSE D 35 2.40 -3.22 36.27
CG MSE D 35 3.87 -3.56 35.92
SE MSE D 35 4.66 -4.86 37.18
CE MSE D 35 5.45 -3.57 38.48
N VAL D 36 -0.69 -2.29 35.65
CA VAL D 36 -2.00 -2.02 36.19
C VAL D 36 -2.68 -3.38 36.36
N HIS D 37 -3.58 -3.49 37.33
CA HIS D 37 -4.22 -4.75 37.61
C HIS D 37 -5.70 -4.90 37.26
N SER D 38 -6.26 -3.96 36.51
CA SER D 38 -7.66 -4.09 36.13
C SER D 38 -7.97 -3.28 34.87
N ALA D 39 -9.07 -3.61 34.22
CA ALA D 39 -9.48 -2.91 33.00
C ALA D 39 -9.74 -1.43 33.34
N ALA D 40 -10.39 -1.21 34.48
CA ALA D 40 -10.70 0.15 34.93
C ALA D 40 -9.42 0.96 35.05
N GLN D 41 -8.44 0.43 35.78
CA GLN D 41 -7.16 1.11 35.97
C GLN D 41 -6.49 1.39 34.63
N ALA D 42 -6.55 0.42 33.73
CA ALA D 42 -5.95 0.57 32.41
C ALA D 42 -6.52 1.78 31.68
N LEU D 43 -7.85 1.80 31.53
CA LEU D 43 -8.52 2.91 30.84
C LEU D 43 -8.15 4.27 31.41
N GLU D 44 -8.07 4.34 32.72
CA GLU D 44 -7.73 5.59 33.40
C GLU D 44 -6.25 5.92 33.18
N GLN D 45 -5.40 4.94 33.39
CA GLN D 45 -3.95 5.11 33.24
C GLN D 45 -3.52 5.42 31.80
N VAL D 46 -4.12 4.73 30.83
CA VAL D 46 -3.76 4.91 29.42
C VAL D 46 -3.94 6.34 28.91
N ALA D 47 -4.83 7.10 29.55
CA ALA D 47 -5.08 8.48 29.16
C ALA D 47 -4.28 9.41 30.06
N ARG D 48 -3.59 8.82 31.03
CA ARG D 48 -2.79 9.58 31.98
C ARG D 48 -1.46 10.01 31.36
N ARG D 49 -0.98 9.24 30.38
CA ARG D 49 0.28 9.55 29.69
C ARG D 49 0.39 8.79 28.36
N PRO D 50 1.33 9.21 27.51
CA PRO D 50 1.50 8.54 26.21
C PRO D 50 2.03 7.10 26.30
N TYR D 51 1.36 6.18 25.63
CA TYR D 51 1.80 4.78 25.58
C TYR D 51 1.84 4.35 24.13
N ALA D 52 2.87 3.61 23.77
CA ALA D 52 3.03 3.10 22.41
C ALA D 52 2.29 1.78 22.25
N ALA D 53 2.03 1.07 23.35
CA ALA D 53 1.33 -0.19 23.26
C ALA D 53 0.85 -0.66 24.63
N MSE D 54 -0.01 -1.66 24.60
CA MSE D 54 -0.54 -2.26 25.81
C MSE D 54 -0.60 -3.78 25.69
O MSE D 54 -0.84 -4.29 24.59
CB MSE D 54 -1.95 -1.71 26.06
CG MSE D 54 -2.56 -2.24 27.35
SE MSE D 54 -4.41 -1.64 27.72
CE MSE D 54 -5.24 -2.56 26.16
N THR D 55 -0.34 -4.48 26.80
CA THR D 55 -0.45 -5.95 26.83
C THR D 55 -1.69 -6.17 27.67
N VAL D 56 -2.51 -7.13 27.27
CA VAL D 56 -3.73 -7.37 28.02
C VAL D 56 -3.94 -8.82 28.40
N ASP D 57 -4.27 -9.05 29.67
CA ASP D 57 -4.58 -10.39 30.13
C ASP D 57 -6.10 -10.48 29.95
N LEU D 58 -6.57 -11.50 29.26
CA LEU D 58 -8.02 -11.63 29.05
C LEU D 58 -8.73 -11.87 30.37
N ASN D 59 -8.24 -12.85 31.13
CA ASN D 59 -8.83 -13.21 32.42
C ASN D 59 -8.56 -12.14 33.48
N LEU D 60 -9.28 -11.03 33.41
CA LEU D 60 -9.13 -9.94 34.38
C LEU D 60 -10.21 -10.02 35.45
N PRO D 61 -9.98 -9.37 36.61
CA PRO D 61 -10.91 -9.35 37.75
C PRO D 61 -12.29 -8.73 37.47
N ASP D 62 -12.38 -7.40 37.55
CA ASP D 62 -13.63 -6.68 37.30
C ASP D 62 -14.03 -6.76 35.82
N GLN D 63 -13.95 -5.61 35.14
CA GLN D 63 -14.28 -5.50 33.73
C GLN D 63 -13.48 -6.53 32.93
N ASP D 64 -14.15 -7.21 32.00
CA ASP D 64 -13.53 -8.23 31.20
C ASP D 64 -12.38 -7.67 30.35
N GLY D 65 -11.52 -8.55 29.85
CA GLY D 65 -10.40 -8.11 29.03
C GLY D 65 -10.88 -7.74 27.64
N VAL D 66 -11.90 -8.44 27.17
CA VAL D 66 -12.48 -8.18 25.85
C VAL D 66 -13.10 -6.80 25.88
N SER D 67 -13.85 -6.53 26.95
CA SER D 67 -14.52 -5.26 27.14
C SER D 67 -13.56 -4.07 27.03
N LEU D 68 -12.38 -4.22 27.65
CA LEU D 68 -11.37 -3.18 27.64
C LEU D 68 -10.89 -2.90 26.22
N ILE D 69 -10.63 -3.97 25.47
CA ILE D 69 -10.16 -3.84 24.10
C ILE D 69 -11.20 -3.19 23.19
N ARG D 70 -12.49 -3.49 23.39
CA ARG D 70 -13.54 -2.89 22.57
C ARG D 70 -13.60 -1.39 22.84
N ALA D 71 -13.45 -1.00 24.10
CA ALA D 71 -13.48 0.41 24.47
C ALA D 71 -12.35 1.16 23.76
N LEU D 72 -11.15 0.60 23.80
CA LEU D 72 -10.01 1.24 23.18
C LEU D 72 -10.15 1.38 21.68
N ARG D 73 -10.80 0.42 21.03
CA ARG D 73 -10.99 0.50 19.59
C ARG D 73 -12.14 1.43 19.20
N ARG D 74 -13.08 1.65 20.11
CA ARG D 74 -14.19 2.54 19.83
C ARG D 74 -13.70 3.98 19.84
N ASP D 75 -12.89 4.31 20.84
CA ASP D 75 -12.32 5.66 20.99
C ASP D 75 -11.28 5.90 19.90
N SER D 76 -11.50 6.91 19.06
CA SER D 76 -10.57 7.23 17.98
C SER D 76 -9.20 7.73 18.49
N ARG D 77 -9.16 8.16 19.74
CA ARG D 77 -7.93 8.65 20.35
C ARG D 77 -6.97 7.50 20.64
N THR D 78 -7.54 6.31 20.84
CA THR D 78 -6.76 5.11 21.14
C THR D 78 -7.12 3.99 20.18
N ARG D 79 -7.73 4.35 19.06
CA ARG D 79 -8.16 3.37 18.06
C ARG D 79 -7.02 2.63 17.37
N ASP D 80 -5.85 3.26 17.29
CA ASP D 80 -4.74 2.60 16.65
C ASP D 80 -3.65 2.13 17.62
N LEU D 81 -3.87 2.32 18.93
CA LEU D 81 -2.90 1.89 19.95
C LEU D 81 -2.63 0.39 19.81
N ALA D 82 -1.37 0.01 19.66
CA ALA D 82 -1.03 -1.41 19.51
C ALA D 82 -1.40 -2.20 20.74
N ILE D 83 -2.05 -3.33 20.51
CA ILE D 83 -2.45 -4.17 21.62
C ILE D 83 -2.03 -5.58 21.40
N VAL D 84 -1.34 -6.14 22.38
CA VAL D 84 -0.90 -7.51 22.32
C VAL D 84 -1.56 -8.24 23.48
N VAL D 85 -2.28 -9.32 23.18
CA VAL D 85 -2.93 -10.13 24.19
C VAL D 85 -1.95 -11.22 24.59
N VAL D 86 -1.81 -11.41 25.89
CA VAL D 86 -0.92 -12.42 26.47
C VAL D 86 -1.81 -13.01 27.54
N SER D 87 -2.39 -14.17 27.26
CA SER D 87 -3.33 -14.77 28.19
C SER D 87 -3.43 -16.28 28.07
N ALA D 88 -3.86 -16.90 29.16
CA ALA D 88 -4.03 -18.35 29.22
C ALA D 88 -4.96 -18.82 28.10
N ASN D 89 -6.08 -18.11 27.93
CA ASN D 89 -7.04 -18.45 26.90
C ASN D 89 -7.02 -17.45 25.75
N ALA D 90 -5.93 -17.47 24.98
CA ALA D 90 -5.78 -16.56 23.86
C ALA D 90 -6.64 -17.00 22.67
N ARG D 91 -6.56 -18.29 22.33
CA ARG D 91 -7.32 -18.84 21.21
C ARG D 91 -8.81 -18.53 21.35
N GLU D 92 -9.35 -18.78 22.54
CA GLU D 92 -10.75 -18.55 22.82
C GLU D 92 -11.15 -17.09 22.60
N GLY D 93 -10.27 -16.17 22.98
CA GLY D 93 -10.55 -14.77 22.81
C GLY D 93 -10.42 -14.31 21.37
N GLU D 94 -9.57 -14.99 20.60
CA GLU D 94 -9.35 -14.66 19.19
C GLU D 94 -10.63 -14.94 18.41
N LEU D 95 -11.42 -15.88 18.94
CA LEU D 95 -12.68 -16.26 18.34
C LEU D 95 -13.71 -15.17 18.64
N GLU D 96 -13.68 -14.69 19.88
CA GLU D 96 -14.57 -13.62 20.32
C GLU D 96 -14.44 -12.38 19.43
N PHE D 97 -13.26 -12.21 18.83
CA PHE D 97 -12.99 -11.08 17.94
C PHE D 97 -12.87 -11.50 16.48
N ASN D 98 -13.58 -12.55 16.09
CA ASN D 98 -13.49 -13.03 14.72
C ASN D 98 -13.95 -12.02 13.67
N SER D 99 -14.90 -11.17 14.05
CA SER D 99 -15.43 -10.13 13.17
C SER D 99 -14.54 -8.87 13.18
N GLN D 100 -13.53 -8.85 14.06
CA GLN D 100 -12.59 -7.72 14.13
C GLN D 100 -11.19 -8.30 14.13
N PRO D 101 -10.77 -8.91 13.01
CA PRO D 101 -9.45 -9.53 12.86
C PRO D 101 -8.24 -8.67 13.22
N LEU D 102 -8.41 -7.35 13.21
CA LEU D 102 -7.33 -6.43 13.53
C LEU D 102 -7.52 -5.63 14.83
N ALA D 103 -8.39 -6.11 15.71
CA ALA D 103 -8.61 -5.42 16.98
C ALA D 103 -7.34 -5.49 17.82
N VAL D 104 -6.60 -6.58 17.71
CA VAL D 104 -5.35 -6.74 18.44
C VAL D 104 -4.24 -7.21 17.52
N SER D 105 -3.05 -6.65 17.70
CA SER D 105 -1.91 -7.00 16.88
C SER D 105 -1.56 -8.47 16.92
N THR D 106 -1.32 -9.01 18.13
CA THR D 106 -0.93 -10.41 18.26
C THR D 106 -1.57 -11.13 19.45
N TRP D 107 -1.93 -12.38 19.26
CA TRP D 107 -2.52 -13.19 20.33
C TRP D 107 -1.50 -14.22 20.84
N LEU D 108 -0.95 -13.98 22.02
CA LEU D 108 0.03 -14.89 22.61
C LEU D 108 -0.55 -15.67 23.78
N GLU D 109 -0.29 -16.96 23.81
CA GLU D 109 -0.76 -17.82 24.89
C GLU D 109 0.30 -17.86 25.97
N LYS D 110 -0.01 -18.57 27.05
CA LYS D 110 0.96 -18.74 28.12
C LYS D 110 1.26 -20.23 28.04
N PRO D 111 2.51 -20.64 28.33
CA PRO D 111 3.67 -19.84 28.72
C PRO D 111 4.07 -18.87 27.63
N ILE D 112 4.51 -17.70 28.04
CA ILE D 112 4.87 -16.64 27.11
C ILE D 112 6.12 -16.83 26.25
N ASP D 113 5.95 -16.63 24.94
CA ASP D 113 7.04 -16.73 23.98
C ASP D 113 7.70 -15.34 24.04
N GLU D 114 8.68 -15.20 24.92
CA GLU D 114 9.37 -13.93 25.12
C GLU D 114 9.86 -13.20 23.88
N ASN D 115 10.59 -13.91 23.02
CA ASN D 115 11.11 -13.29 21.82
C ASN D 115 9.99 -12.86 20.89
N LEU D 116 8.97 -13.70 20.74
CA LEU D 116 7.85 -13.34 19.89
C LEU D 116 7.13 -12.12 20.46
N LEU D 117 7.03 -12.04 21.78
CA LEU D 117 6.38 -10.90 22.41
C LEU D 117 7.14 -9.61 22.10
N ILE D 118 8.44 -9.60 22.37
CA ILE D 118 9.27 -8.42 22.12
C ILE D 118 9.25 -8.03 20.63
N LEU D 119 9.34 -9.04 19.76
CA LEU D 119 9.32 -8.84 18.32
C LEU D 119 7.95 -8.27 17.87
N SER D 120 6.87 -8.88 18.34
CA SER D 120 5.51 -8.42 18.03
C SER D 120 5.29 -6.96 18.45
N LEU D 121 5.84 -6.57 19.60
CA LEU D 121 5.70 -5.21 20.09
C LEU D 121 6.45 -4.21 19.19
N HIS D 122 7.65 -4.57 18.78
CA HIS D 122 8.42 -3.70 17.91
C HIS D 122 7.71 -3.52 16.58
N ARG D 123 7.26 -4.62 15.98
CA ARG D 123 6.58 -4.55 14.69
C ARG D 123 5.30 -3.72 14.78
N ALA D 124 4.50 -3.98 15.80
CA ALA D 124 3.24 -3.26 15.98
C ALA D 124 3.48 -1.77 16.15
N ILE D 125 4.50 -1.43 16.94
CA ILE D 125 4.83 -0.04 17.19
C ILE D 125 5.39 0.69 15.96
N ASP D 126 6.31 0.05 15.24
CA ASP D 126 6.88 0.67 14.05
C ASP D 126 5.82 0.89 12.96
N ASN D 127 4.90 -0.06 12.84
CA ASN D 127 3.81 0.00 11.84
C ASN D 127 2.79 1.11 12.11
N MSE D 128 2.72 1.53 13.38
CA MSE D 128 1.79 2.54 13.90
C MSE D 128 2.39 3.92 13.67
O MSE D 128 1.72 4.82 13.16
CB MSE D 128 1.56 2.24 15.38
CG MSE D 128 0.66 3.21 16.15
SE MSE D 128 0.59 2.41 17.96
CE MSE D 128 -0.16 0.67 17.20
N ALA D 129 3.67 4.10 14.02
CA ALA D 129 4.32 5.39 13.73
C ALA D 129 4.57 5.57 12.20
#